data_3ODT
#
_entry.id   3ODT
#
_cell.length_a   33.656
_cell.length_b   87.996
_cell.length_c   92.265
_cell.angle_alpha   90.00
_cell.angle_beta   96.73
_cell.angle_gamma   90.00
#
_symmetry.space_group_name_H-M   'P 1 21 1'
#
loop_
_entity.id
_entity.type
_entity.pdbx_description
1 polymer 'Protein DOA1'
2 non-polymer 'CALCIUM ION'
3 non-polymer '2-(N-MORPHOLINO)-ETHANESULFONIC ACID'
4 water water
#
_entity_poly.entity_id   1
_entity_poly.type   'polypeptide(L)'
_entity_poly.pdbx_seq_one_letter_code
;GIDPFTGYQLSATLKGHDQDVRDVVAVDDSKVASVSRDGTVRLWSKDDQWLGTVVYTGQGFLNSVCYDSEKELLLFGGKD
T(MSE)INGVPLFATSGEDPLYTLIGHQGNVCSLSFQDGVVISGSWDKTAKVWKEGSLVYNLQAHNASVWDAKVVSFSEN
KFLTASADKTIKLWQNDKVIKTFSGIHNDVVRHLAVVDDGHFISCSNDGLIKLVD(MSE)HTGDVLRTYEGHESFVYCIK
LLPNGDIVSCGEDRTVRIWSKENGSLKQVITLPAISIWSVDC(MSE)SNGDIIVGSSDNLVRIFSQEKSRWASEDEIKGE
LRSGC
;
_entity_poly.pdbx_strand_id   A,B
#
# COMPACT_ATOMS: atom_id res chain seq x y z
N PHE A 5 1.98 4.04 -22.25
CA PHE A 5 1.02 3.29 -23.14
C PHE A 5 0.86 3.90 -24.53
N THR A 6 0.87 3.04 -25.53
CA THR A 6 0.42 3.38 -26.88
C THR A 6 -0.64 2.36 -27.30
N GLY A 7 -1.57 2.78 -28.15
CA GLY A 7 -2.72 1.96 -28.41
C GLY A 7 -2.40 0.67 -29.16
N TYR A 8 -3.19 -0.34 -28.89
CA TYR A 8 -3.18 -1.55 -29.70
C TYR A 8 -3.86 -1.25 -31.03
N GLN A 9 -3.33 -1.86 -32.08
CA GLN A 9 -3.98 -1.80 -33.37
C GLN A 9 -4.08 -3.18 -33.99
N LEU A 10 -4.99 -3.33 -34.95
CA LEU A 10 -5.24 -4.64 -35.52
C LEU A 10 -3.95 -5.14 -36.18
N SER A 11 -3.60 -6.37 -35.82
CA SER A 11 -2.49 -7.10 -36.43
C SER A 11 -2.92 -8.09 -37.49
N ALA A 12 -3.98 -8.85 -37.22
CA ALA A 12 -4.45 -9.85 -38.17
C ALA A 12 -5.90 -10.19 -37.90
N THR A 13 -6.57 -10.53 -38.99
CA THR A 13 -7.92 -11.04 -38.98
C THR A 13 -7.89 -12.48 -39.47
N LEU A 14 -8.38 -13.37 -38.62
CA LEU A 14 -8.30 -14.79 -38.82
C LEU A 14 -9.72 -15.30 -39.12
N LYS A 15 -9.94 -15.58 -40.40
CA LYS A 15 -11.22 -15.95 -40.96
C LYS A 15 -11.27 -17.46 -41.21
N GLY A 16 -12.36 -18.10 -40.81
CA GLY A 16 -12.56 -19.50 -41.08
C GLY A 16 -13.77 -20.09 -40.37
N HIS A 17 -14.01 -19.66 -39.14
CA HIS A 17 -15.16 -20.17 -38.42
C HIS A 17 -16.47 -19.74 -39.11
N ASP A 18 -17.47 -20.59 -39.04
CA ASP A 18 -18.76 -20.32 -39.67
C ASP A 18 -19.85 -19.88 -38.67
N GLN A 19 -19.54 -19.87 -37.38
CA GLN A 19 -20.44 -19.35 -36.36
C GLN A 19 -19.61 -18.68 -35.27
N ASP A 20 -20.28 -18.16 -34.24
CA ASP A 20 -19.57 -17.33 -33.29
C ASP A 20 -18.33 -18.02 -32.76
N VAL A 21 -17.26 -17.23 -32.58
CA VAL A 21 -16.08 -17.70 -31.86
C VAL A 21 -16.32 -17.45 -30.37
N ARG A 22 -16.37 -18.51 -29.60
CA ARG A 22 -16.77 -18.41 -28.21
C ARG A 22 -15.63 -18.36 -27.22
N ASP A 23 -14.47 -18.83 -27.63
CA ASP A 23 -13.30 -18.86 -26.77
C ASP A 23 -12.03 -18.96 -27.60
N VAL A 24 -10.99 -18.24 -27.15
CA VAL A 24 -9.68 -18.20 -27.77
C VAL A 24 -8.59 -18.39 -26.73
N VAL A 25 -7.45 -18.95 -27.15
CA VAL A 25 -6.34 -19.16 -26.26
C VAL A 25 -5.03 -18.98 -27.01
N ALA A 26 -4.05 -18.37 -26.35
CA ALA A 26 -2.70 -18.33 -26.83
C ALA A 26 -2.02 -19.67 -26.58
N VAL A 27 -1.34 -20.18 -27.59
CA VAL A 27 -0.54 -21.36 -27.44
C VAL A 27 0.91 -20.91 -27.29
N ASP A 28 1.38 -20.14 -28.26
CA ASP A 28 2.63 -19.40 -28.12
C ASP A 28 2.55 -18.15 -28.99
N ASP A 29 3.64 -17.39 -29.11
CA ASP A 29 3.56 -16.15 -29.87
C ASP A 29 3.30 -16.36 -31.37
N SER A 30 3.40 -17.60 -31.84
CA SER A 30 3.14 -17.92 -33.23
C SER A 30 1.94 -18.86 -33.43
N LYS A 31 1.22 -19.14 -32.37
CA LYS A 31 0.12 -20.09 -32.47
C LYS A 31 -1.00 -19.69 -31.53
N VAL A 32 -2.22 -19.64 -32.06
CA VAL A 32 -3.39 -19.41 -31.25
C VAL A 32 -4.47 -20.42 -31.63
N ALA A 33 -5.40 -20.64 -30.72
CA ALA A 33 -6.48 -21.58 -30.97
C ALA A 33 -7.83 -20.97 -30.63
N SER A 34 -8.86 -21.45 -31.30
CA SER A 34 -10.20 -20.91 -31.11
C SER A 34 -11.21 -22.03 -31.23
N VAL A 35 -12.36 -21.85 -30.57
CA VAL A 35 -13.46 -22.79 -30.69
C VAL A 35 -14.73 -22.00 -30.95
N SER A 36 -15.73 -22.67 -31.50
CA SER A 36 -16.85 -21.97 -32.08
C SER A 36 -18.12 -22.78 -31.96
N ARG A 37 -19.26 -22.11 -32.06
CA ARG A 37 -20.53 -22.80 -32.22
C ARG A 37 -20.62 -23.61 -33.51
N ASP A 38 -19.66 -23.43 -34.44
CA ASP A 38 -19.61 -24.28 -35.64
C ASP A 38 -19.08 -25.70 -35.35
N GLY A 39 -18.70 -25.94 -34.10
CA GLY A 39 -18.31 -27.26 -33.66
C GLY A 39 -16.85 -27.59 -33.90
N THR A 40 -16.06 -26.61 -34.34
CA THR A 40 -14.67 -26.84 -34.66
C THR A 40 -13.72 -26.18 -33.66
N VAL A 41 -12.54 -26.78 -33.57
CA VAL A 41 -11.36 -26.22 -32.90
C VAL A 41 -10.39 -25.90 -34.02
N ARG A 42 -9.93 -24.67 -34.09
CA ARG A 42 -8.95 -24.24 -35.08
C ARG A 42 -7.68 -23.79 -34.44
N LEU A 43 -6.58 -24.22 -35.05
CA LEU A 43 -5.24 -23.82 -34.70
C LEU A 43 -4.73 -22.91 -35.80
N TRP A 44 -4.31 -21.73 -35.39
CA TRP A 44 -3.83 -20.71 -36.31
C TRP A 44 -2.33 -20.55 -36.04
N SER A 45 -1.53 -20.66 -37.10
CA SER A 45 -0.09 -20.55 -37.03
C SER A 45 0.41 -19.42 -37.86
N LYS A 46 1.37 -18.69 -37.31
CA LYS A 46 1.98 -17.58 -38.00
C LYS A 46 3.31 -17.97 -38.58
N ASP A 47 3.43 -17.81 -39.89
CA ASP A 47 4.70 -17.96 -40.60
C ASP A 47 5.12 -16.56 -40.98
N ASP A 48 4.56 -16.06 -42.08
CA ASP A 48 4.58 -14.62 -42.35
C ASP A 48 3.14 -14.14 -42.09
N GLN A 49 2.20 -14.90 -42.62
CA GLN A 49 0.78 -14.68 -42.37
C GLN A 49 0.29 -15.74 -41.42
N TRP A 50 -0.91 -15.53 -40.91
CA TRP A 50 -1.58 -16.52 -40.09
C TRP A 50 -2.40 -17.44 -40.99
N LEU A 51 -2.24 -18.73 -40.77
CA LEU A 51 -2.97 -19.75 -41.49
C LEU A 51 -3.67 -20.61 -40.47
N GLY A 52 -4.95 -20.85 -40.69
CA GLY A 52 -5.77 -21.69 -39.84
C GLY A 52 -5.99 -23.09 -40.38
N THR A 53 -5.99 -24.05 -39.47
CA THR A 53 -6.34 -25.43 -39.77
C THR A 53 -7.33 -25.95 -38.73
N VAL A 54 -8.28 -26.77 -39.16
CA VAL A 54 -9.21 -27.40 -38.26
C VAL A 54 -8.57 -28.63 -37.68
N VAL A 55 -8.44 -28.67 -36.35
CA VAL A 55 -7.80 -29.79 -35.67
C VAL A 55 -8.82 -30.70 -35.02
N TYR A 56 -10.07 -30.25 -34.96
CA TYR A 56 -11.17 -31.11 -34.48
C TYR A 56 -12.50 -30.58 -34.99
N THR A 57 -13.37 -31.48 -35.40
CA THR A 57 -14.75 -31.16 -35.77
C THR A 57 -15.70 -32.11 -35.08
N GLY A 58 -16.79 -31.53 -34.58
CA GLY A 58 -17.93 -32.27 -34.05
C GLY A 58 -19.19 -31.48 -34.29
N GLN A 59 -20.35 -32.04 -33.94
CA GLN A 59 -21.59 -31.31 -34.16
C GLN A 59 -21.95 -30.35 -33.03
N GLY A 60 -21.51 -30.64 -31.82
CA GLY A 60 -21.94 -29.81 -30.71
C GLY A 60 -21.22 -28.47 -30.66
N PHE A 61 -21.91 -27.46 -30.15
CA PHE A 61 -21.34 -26.15 -29.97
C PHE A 61 -20.16 -26.27 -29.02
N LEU A 62 -19.07 -25.60 -29.35
CA LEU A 62 -17.91 -25.51 -28.46
C LEU A 62 -17.87 -24.09 -27.89
N ASN A 63 -17.76 -24.04 -26.56
CA ASN A 63 -17.84 -22.80 -25.79
C ASN A 63 -16.62 -22.44 -24.97
N SER A 64 -15.72 -23.39 -24.80
CA SER A 64 -14.54 -23.18 -23.98
C SER A 64 -13.32 -23.93 -24.56
N VAL A 65 -12.15 -23.35 -24.30
CA VAL A 65 -10.89 -23.93 -24.71
C VAL A 65 -9.81 -23.49 -23.72
N CYS A 66 -8.80 -24.35 -23.56
CA CYS A 66 -7.58 -23.99 -22.86
C CYS A 66 -6.45 -24.85 -23.43
N TYR A 67 -5.25 -24.62 -22.93
CA TYR A 67 -4.07 -25.26 -23.49
C TYR A 67 -3.24 -25.85 -22.35
N ASP A 68 -3.04 -27.17 -22.42
CA ASP A 68 -2.17 -27.90 -21.52
C ASP A 68 -0.80 -27.88 -22.18
N SER A 69 0.07 -27.04 -21.63
CA SER A 69 1.37 -26.76 -22.21
C SER A 69 2.42 -27.86 -21.99
N GLU A 70 2.17 -28.82 -21.12
CA GLU A 70 3.13 -29.92 -21.00
C GLU A 70 2.78 -31.07 -21.96
N LYS A 71 1.51 -31.48 -21.97
CA LYS A 71 1.03 -32.48 -22.92
C LYS A 71 0.87 -31.92 -24.34
N GLU A 72 0.86 -30.61 -24.45
CA GLU A 72 0.63 -29.88 -25.71
C GLU A 72 -0.67 -30.31 -26.33
N LEU A 73 -1.72 -30.22 -25.50
CA LEU A 73 -3.07 -30.51 -25.90
C LEU A 73 -3.95 -29.29 -25.80
N LEU A 74 -4.71 -29.08 -26.84
CA LEU A 74 -5.82 -28.14 -26.78
C LEU A 74 -7.01 -28.87 -26.15
N LEU A 75 -7.51 -28.32 -25.06
CA LEU A 75 -8.67 -28.89 -24.36
C LEU A 75 -9.89 -28.03 -24.67
N PHE A 76 -11.04 -28.65 -24.90
CA PHE A 76 -12.19 -27.89 -25.35
C PHE A 76 -13.48 -28.58 -24.90
N GLY A 77 -14.51 -27.78 -24.71
CA GLY A 77 -15.78 -28.33 -24.29
C GLY A 77 -16.93 -27.41 -24.68
N GLY A 78 -18.13 -27.94 -24.51
CA GLY A 78 -19.31 -27.17 -24.82
C GLY A 78 -20.58 -27.93 -24.52
N LYS A 79 -21.53 -27.85 -25.46
CA LYS A 79 -22.89 -28.27 -25.18
C LYS A 79 -23.00 -29.77 -24.96
N ASP A 80 -22.12 -30.58 -25.53
CA ASP A 80 -22.30 -32.02 -25.37
C ASP A 80 -21.83 -32.55 -24.01
N THR A 81 -21.35 -31.66 -23.14
CA THR A 81 -21.03 -31.99 -21.75
C THR A 81 -19.66 -32.62 -21.51
N ILE A 83 -15.31 -32.82 -22.07
CA ILE A 83 -14.10 -32.06 -22.33
C ILE A 83 -13.20 -32.99 -23.14
N ASN A 84 -12.77 -32.59 -24.33
CA ASN A 84 -11.86 -33.38 -25.12
C ASN A 84 -10.54 -32.65 -25.31
N GLY A 85 -9.53 -33.38 -25.73
CA GLY A 85 -8.24 -32.82 -25.99
C GLY A 85 -7.68 -33.35 -27.28
N VAL A 86 -7.06 -32.47 -28.04
CA VAL A 86 -6.33 -32.88 -29.23
C VAL A 86 -4.95 -32.25 -29.29
N PRO A 87 -4.01 -32.94 -29.95
CA PRO A 87 -2.67 -32.37 -30.12
C PRO A 87 -2.68 -31.27 -31.17
N LEU A 88 -1.57 -30.57 -31.29
CA LEU A 88 -1.45 -29.44 -32.20
C LEU A 88 -1.33 -29.92 -33.64
N PHE A 89 -1.30 -31.25 -33.83
CA PHE A 89 -1.11 -31.86 -35.15
C PHE A 89 -2.27 -32.81 -35.51
N ALA A 90 -3.35 -32.72 -34.73
CA ALA A 90 -4.55 -33.54 -34.99
C ALA A 90 -5.18 -33.14 -36.31
N THR A 91 -5.93 -34.04 -36.92
CA THR A 91 -6.70 -33.70 -38.11
C THR A 91 -8.21 -33.78 -37.82
N SER A 92 -9.00 -32.89 -38.43
CA SER A 92 -10.46 -32.99 -38.34
C SER A 92 -10.83 -34.41 -38.80
N GLY A 93 -11.77 -35.03 -38.10
CA GLY A 93 -12.17 -36.39 -38.41
C GLY A 93 -11.57 -37.45 -37.50
N GLU A 94 -10.42 -37.15 -36.89
CA GLU A 94 -9.83 -38.07 -35.91
C GLU A 94 -10.58 -37.94 -34.58
N ASP A 95 -10.88 -39.06 -33.94
CA ASP A 95 -11.41 -39.04 -32.57
C ASP A 95 -10.35 -38.40 -31.69
N PRO A 96 -10.81 -37.60 -30.73
CA PRO A 96 -9.91 -36.90 -29.83
C PRO A 96 -9.06 -37.81 -28.96
N TYR A 98 -8.37 -37.91 -25.96
CA TYR A 98 -8.33 -37.46 -24.59
C TYR A 98 -9.70 -36.92 -24.26
N THR A 99 -10.27 -37.46 -23.19
CA THR A 99 -11.63 -37.14 -22.79
C THR A 99 -11.74 -37.09 -21.28
N LEU A 100 -12.34 -36.01 -20.77
CA LEU A 100 -12.65 -35.83 -19.36
C LEU A 100 -14.18 -35.86 -19.25
N ILE A 101 -14.67 -36.89 -18.59
CA ILE A 101 -16.09 -37.14 -18.53
C ILE A 101 -16.59 -36.86 -17.11
N GLY A 102 -17.75 -36.22 -17.02
CA GLY A 102 -18.41 -36.03 -15.75
C GLY A 102 -19.41 -34.89 -15.70
N HIS A 103 -19.23 -33.84 -16.49
CA HIS A 103 -20.22 -32.77 -16.48
C HIS A 103 -21.54 -33.23 -17.06
N GLN A 104 -22.62 -32.59 -16.60
CA GLN A 104 -23.96 -32.96 -16.99
C GLN A 104 -24.65 -31.78 -17.67
N GLY A 105 -23.86 -30.78 -18.07
CA GLY A 105 -24.36 -29.68 -18.85
C GLY A 105 -23.21 -29.01 -19.57
N ASN A 106 -23.54 -27.95 -20.28
CA ASN A 106 -22.62 -27.18 -21.10
C ASN A 106 -21.35 -26.89 -20.31
N VAL A 107 -20.20 -27.15 -20.93
CA VAL A 107 -18.92 -26.77 -20.35
C VAL A 107 -18.60 -25.37 -20.90
N CYS A 108 -18.84 -24.38 -20.06
CA CYS A 108 -18.75 -22.98 -20.48
C CYS A 108 -17.43 -22.29 -20.17
N SER A 109 -16.55 -22.95 -19.41
CA SER A 109 -15.23 -22.40 -19.18
C SER A 109 -14.22 -23.50 -18.96
N LEU A 110 -12.98 -23.22 -19.34
CA LEU A 110 -11.87 -24.13 -19.14
C LEU A 110 -10.64 -23.31 -18.80
N SER A 111 -9.81 -23.84 -17.92
CA SER A 111 -8.54 -23.22 -17.59
C SER A 111 -7.54 -24.32 -17.21
N PHE A 112 -6.26 -24.06 -17.46
CA PHE A 112 -5.20 -24.96 -17.11
C PHE A 112 -4.10 -24.20 -16.36
N GLN A 113 -3.69 -24.78 -15.25
CA GLN A 113 -2.57 -24.26 -14.50
C GLN A 113 -1.84 -25.38 -13.75
N ASP A 114 -0.53 -25.47 -13.95
CA ASP A 114 0.33 -26.31 -13.13
C ASP A 114 -0.20 -27.75 -13.08
N GLY A 115 -0.60 -28.29 -14.23
CA GLY A 115 -1.05 -29.68 -14.32
C GLY A 115 -2.51 -29.89 -13.98
N VAL A 116 -3.20 -28.82 -13.62
CA VAL A 116 -4.60 -28.89 -13.19
C VAL A 116 -5.50 -28.31 -14.25
N VAL A 117 -6.54 -29.05 -14.63
CA VAL A 117 -7.59 -28.50 -15.48
C VAL A 117 -8.76 -28.16 -14.57
N ILE A 118 -9.33 -26.98 -14.75
CA ILE A 118 -10.56 -26.66 -14.03
C ILE A 118 -11.60 -26.16 -15.01
N SER A 119 -12.81 -26.72 -14.89
CA SER A 119 -13.88 -26.46 -15.84
C SER A 119 -15.11 -25.91 -15.09
N GLY A 120 -15.82 -25.00 -15.77
CA GLY A 120 -17.08 -24.46 -15.28
C GLY A 120 -18.20 -24.94 -16.16
N SER A 121 -19.37 -25.17 -15.56
CA SER A 121 -20.50 -25.70 -16.32
C SER A 121 -21.86 -25.19 -15.92
N TRP A 122 -22.76 -25.20 -16.89
CA TRP A 122 -24.16 -24.91 -16.63
C TRP A 122 -24.84 -25.96 -15.77
N ASP A 123 -24.13 -27.07 -15.51
CA ASP A 123 -24.65 -28.09 -14.57
C ASP A 123 -24.52 -27.62 -13.11
N LYS A 124 -24.03 -26.41 -12.93
CA LYS A 124 -23.92 -25.70 -11.63
C LYS A 124 -22.73 -26.13 -10.79
N THR A 125 -21.82 -26.84 -11.44
CA THR A 125 -20.58 -27.23 -10.81
C THR A 125 -19.36 -26.71 -11.55
N ALA A 126 -18.23 -26.71 -10.85
CA ALA A 126 -16.92 -26.67 -11.50
C ALA A 126 -16.28 -28.00 -11.15
N LYS A 127 -15.36 -28.46 -12.00
CA LYS A 127 -14.70 -29.72 -11.74
C LYS A 127 -13.22 -29.50 -11.91
N VAL A 128 -12.46 -30.17 -11.05
CA VAL A 128 -11.01 -30.07 -11.07
C VAL A 128 -10.44 -31.43 -11.43
N TRP A 129 -9.59 -31.43 -12.46
CA TRP A 129 -9.10 -32.66 -13.08
C TRP A 129 -7.57 -32.68 -13.09
N LYS A 130 -7.00 -33.84 -12.80
CA LYS A 130 -5.57 -34.04 -12.88
C LYS A 130 -5.30 -35.39 -13.50
N GLU A 131 -4.34 -35.42 -14.40
CA GLU A 131 -3.94 -36.66 -15.06
C GLU A 131 -5.14 -37.40 -15.66
N GLY A 132 -6.11 -36.66 -16.19
CA GLY A 132 -7.18 -37.25 -16.99
C GLY A 132 -8.35 -37.73 -16.15
N SER A 133 -8.34 -37.33 -14.89
CA SER A 133 -9.22 -37.91 -13.90
C SER A 133 -9.82 -36.82 -12.99
N LEU A 134 -11.09 -36.97 -12.68
CA LEU A 134 -11.79 -36.02 -11.81
C LEU A 134 -11.30 -36.17 -10.39
N VAL A 135 -10.75 -35.09 -9.83
CA VAL A 135 -10.25 -35.09 -8.48
C VAL A 135 -11.22 -34.43 -7.49
N TYR A 136 -11.74 -33.26 -7.86
CA TYR A 136 -12.76 -32.57 -7.05
C TYR A 136 -13.95 -32.14 -7.89
N ASN A 137 -15.13 -32.44 -7.36
CA ASN A 137 -16.38 -31.90 -7.86
C ASN A 137 -16.80 -30.73 -6.94
N LEU A 138 -16.82 -29.53 -7.49
CA LEU A 138 -17.15 -28.33 -6.73
C LEU A 138 -18.63 -28.03 -6.91
N GLN A 139 -19.42 -28.57 -6.00
CA GLN A 139 -20.86 -28.55 -6.03
C GLN A 139 -21.37 -27.74 -4.83
N ALA A 140 -21.98 -26.60 -5.13
CA ALA A 140 -22.48 -25.69 -4.10
C ALA A 140 -23.33 -24.57 -4.70
N HIS A 141 -22.90 -24.03 -5.85
CA HIS A 141 -23.63 -22.94 -6.49
C HIS A 141 -25.05 -23.37 -6.87
N ASN A 142 -25.95 -22.40 -6.89
CA ASN A 142 -27.36 -22.64 -7.15
C ASN A 142 -27.79 -22.39 -8.60
N ALA A 143 -26.84 -22.06 -9.44
CA ALA A 143 -27.05 -21.77 -10.84
C ALA A 143 -25.74 -21.95 -11.59
N SER A 144 -25.80 -21.78 -12.90
CA SER A 144 -24.66 -22.06 -13.77
C SER A 144 -23.39 -21.43 -13.25
N VAL A 145 -22.30 -22.16 -13.41
CA VAL A 145 -20.96 -21.71 -13.08
C VAL A 145 -20.30 -21.25 -14.38
N TRP A 146 -20.21 -19.93 -14.53
CA TRP A 146 -19.70 -19.34 -15.75
C TRP A 146 -18.20 -19.37 -15.84
N ASP A 147 -17.50 -19.40 -14.69
CA ASP A 147 -16.04 -19.48 -14.72
C ASP A 147 -15.51 -20.17 -13.48
N ALA A 148 -14.29 -20.69 -13.61
CA ALA A 148 -13.60 -21.39 -12.55
C ALA A 148 -12.10 -21.24 -12.83
N LYS A 149 -11.37 -20.94 -11.77
CA LYS A 149 -9.93 -20.70 -11.85
C LYS A 149 -9.21 -21.33 -10.68
N VAL A 150 -7.98 -21.74 -10.94
CA VAL A 150 -7.11 -22.20 -9.89
C VAL A 150 -6.51 -20.98 -9.17
N VAL A 151 -6.66 -20.94 -7.84
CA VAL A 151 -6.00 -19.92 -7.03
C VAL A 151 -4.60 -20.41 -6.66
N SER A 152 -4.52 -21.62 -6.13
CA SER A 152 -3.25 -22.23 -5.74
C SER A 152 -3.30 -23.75 -5.95
N PHE A 153 -2.45 -24.25 -6.85
CA PHE A 153 -2.44 -25.70 -7.12
C PHE A 153 -1.94 -26.44 -5.88
N SER A 154 -1.03 -25.83 -5.13
CA SER A 154 -0.45 -26.53 -3.97
C SER A 154 -1.37 -26.55 -2.75
N GLU A 155 -2.23 -25.54 -2.60
CA GLU A 155 -3.19 -25.54 -1.49
C GLU A 155 -4.54 -26.09 -1.92
N ASN A 156 -4.66 -26.50 -3.18
CA ASN A 156 -5.93 -26.93 -3.75
C ASN A 156 -7.00 -25.90 -3.52
N LYS A 157 -6.70 -24.65 -3.85
CA LYS A 157 -7.71 -23.59 -3.73
C LYS A 157 -8.16 -23.14 -5.10
N PHE A 158 -9.46 -22.99 -5.25
CA PHE A 158 -10.10 -22.73 -6.52
C PHE A 158 -11.11 -21.62 -6.32
N LEU A 159 -11.43 -20.93 -7.40
CA LEU A 159 -12.37 -19.82 -7.37
C LEU A 159 -13.40 -20.00 -8.49
N THR A 160 -14.68 -19.84 -8.17
CA THR A 160 -15.74 -20.01 -9.14
C THR A 160 -16.66 -18.79 -9.15
N ALA A 161 -17.27 -18.55 -10.30
CA ALA A 161 -18.18 -17.45 -10.55
C ALA A 161 -19.47 -18.00 -11.10
N SER A 162 -20.58 -17.49 -10.62
CA SER A 162 -21.88 -18.07 -10.95
C SER A 162 -23.01 -17.09 -11.26
N ALA A 163 -23.99 -17.60 -12.02
CA ALA A 163 -25.24 -16.91 -12.26
C ALA A 163 -26.03 -16.71 -10.97
N ASP A 164 -25.62 -17.37 -9.89
CA ASP A 164 -26.30 -17.16 -8.61
C ASP A 164 -25.83 -15.87 -7.92
N LYS A 165 -25.02 -15.09 -8.63
CA LYS A 165 -24.56 -13.76 -8.21
C LYS A 165 -23.46 -13.81 -7.15
N THR A 166 -22.82 -14.96 -7.01
CA THR A 166 -21.74 -15.11 -6.04
C THR A 166 -20.47 -15.64 -6.69
N ILE A 167 -19.37 -15.38 -6.00
CA ILE A 167 -18.04 -15.95 -6.27
C ILE A 167 -17.74 -16.83 -5.06
N LYS A 168 -17.24 -18.04 -5.26
CA LYS A 168 -16.89 -18.90 -4.14
C LYS A 168 -15.42 -19.29 -4.23
N LEU A 169 -14.76 -19.25 -3.09
CA LEU A 169 -13.42 -19.77 -2.90
C LEU A 169 -13.52 -21.13 -2.22
N TRP A 170 -12.81 -22.12 -2.76
CA TRP A 170 -12.88 -23.51 -2.37
C TRP A 170 -11.52 -23.97 -1.92
N GLN A 171 -11.49 -24.93 -1.00
CA GLN A 171 -10.28 -25.68 -0.73
C GLN A 171 -10.66 -27.14 -0.81
N ASN A 172 -9.96 -27.90 -1.65
CA ASN A 172 -10.38 -29.25 -1.97
C ASN A 172 -11.70 -29.19 -2.73
N ASP A 173 -12.72 -29.88 -2.24
CA ASP A 173 -14.07 -29.74 -2.78
C ASP A 173 -15.07 -29.05 -1.86
N LYS A 174 -14.55 -28.27 -0.92
CA LYS A 174 -15.41 -27.55 0.01
C LYS A 174 -15.30 -26.04 -0.16
N VAL A 175 -16.44 -25.36 -0.10
CA VAL A 175 -16.43 -23.91 -0.14
C VAL A 175 -15.90 -23.44 1.21
N ILE A 176 -14.94 -22.53 1.19
CA ILE A 176 -14.43 -21.94 2.44
C ILE A 176 -14.78 -20.47 2.57
N LYS A 177 -15.16 -19.84 1.47
CA LYS A 177 -15.66 -18.48 1.52
C LYS A 177 -16.56 -18.15 0.33
N THR A 178 -17.63 -17.41 0.61
CA THR A 178 -18.52 -16.90 -0.44
C THR A 178 -18.49 -15.39 -0.44
N PHE A 179 -18.34 -14.84 -1.65
CA PHE A 179 -18.36 -13.40 -1.88
C PHE A 179 -19.70 -13.07 -2.56
N SER A 180 -20.66 -12.60 -1.75
CA SER A 180 -22.02 -12.35 -2.24
C SER A 180 -22.26 -10.86 -2.43
N GLY A 181 -21.29 -10.05 -2.02
CA GLY A 181 -21.42 -8.60 -2.12
C GLY A 181 -20.65 -7.90 -3.24
N ILE A 182 -20.18 -8.65 -4.21
CA ILE A 182 -19.34 -8.09 -5.28
C ILE A 182 -20.20 -7.63 -6.46
N HIS A 183 -21.10 -8.50 -6.92
CA HIS A 183 -22.02 -8.14 -7.97
C HIS A 183 -23.41 -8.54 -7.57
N ASN A 184 -24.40 -7.75 -7.98
CA ASN A 184 -25.81 -8.09 -7.79
C ASN A 184 -26.42 -8.63 -9.08
N ASP A 185 -25.63 -9.39 -9.82
CA ASP A 185 -26.03 -9.94 -11.10
C ASP A 185 -25.11 -11.11 -11.37
N VAL A 186 -25.39 -11.79 -12.48
CA VAL A 186 -24.64 -12.96 -12.89
C VAL A 186 -23.15 -12.63 -12.97
N VAL A 187 -22.31 -13.45 -12.34
CA VAL A 187 -20.84 -13.26 -12.44
C VAL A 187 -20.34 -14.15 -13.57
N ARG A 188 -19.63 -13.54 -14.52
CA ARG A 188 -19.29 -14.20 -15.76
C ARG A 188 -17.85 -14.68 -15.85
N HIS A 189 -16.92 -13.99 -15.19
CA HIS A 189 -15.53 -14.36 -15.36
C HIS A 189 -14.65 -13.88 -14.23
N LEU A 190 -13.49 -14.52 -14.13
CA LEU A 190 -12.54 -14.30 -13.07
C LEU A 190 -11.12 -14.25 -13.61
N ALA A 191 -10.27 -13.45 -12.98
CA ALA A 191 -8.82 -13.56 -13.17
C ALA A 191 -8.15 -13.43 -11.80
N VAL A 192 -7.34 -14.43 -11.46
CA VAL A 192 -6.60 -14.41 -10.21
C VAL A 192 -5.33 -13.56 -10.35
N VAL A 193 -5.22 -12.52 -9.55
CA VAL A 193 -4.03 -11.67 -9.56
C VAL A 193 -2.88 -12.35 -8.78
N ASP A 194 -3.21 -12.78 -7.57
CA ASP A 194 -2.30 -13.53 -6.71
C ASP A 194 -3.15 -14.19 -5.65
N ASP A 195 -2.49 -14.83 -4.67
CA ASP A 195 -3.23 -15.60 -3.65
C ASP A 195 -4.21 -14.73 -2.88
N GLY A 196 -4.00 -13.42 -2.91
CA GLY A 196 -4.77 -12.52 -2.07
C GLY A 196 -5.74 -11.59 -2.79
N HIS A 197 -5.81 -11.70 -4.12
CA HIS A 197 -6.63 -10.79 -4.89
C HIS A 197 -7.12 -11.44 -6.17
N PHE A 198 -8.35 -11.11 -6.56
CA PHE A 198 -8.90 -11.50 -7.84
C PHE A 198 -9.66 -10.35 -8.47
N ILE A 199 -9.88 -10.44 -9.79
CA ILE A 199 -10.82 -9.57 -10.48
C ILE A 199 -11.97 -10.40 -10.98
N SER A 200 -13.17 -9.84 -10.95
CA SER A 200 -14.34 -10.51 -11.48
C SER A 200 -15.07 -9.53 -12.40
N CYS A 201 -15.87 -10.08 -13.31
CA CYS A 201 -16.73 -9.27 -14.14
C CYS A 201 -18.10 -9.92 -14.25
N SER A 202 -19.07 -9.14 -14.71
CA SER A 202 -20.45 -9.50 -14.54
C SER A 202 -21.38 -8.95 -15.62
N ASN A 203 -22.58 -9.54 -15.68
CA ASN A 203 -23.64 -8.97 -16.50
C ASN A 203 -24.04 -7.56 -16.06
N ASP A 204 -23.62 -7.15 -14.86
CA ASP A 204 -23.91 -5.80 -14.39
C ASP A 204 -23.06 -4.73 -15.08
N GLY A 205 -22.18 -5.15 -15.98
CA GLY A 205 -21.37 -4.21 -16.71
C GLY A 205 -20.08 -3.81 -16.04
N LEU A 206 -19.79 -4.38 -14.88
CA LEU A 206 -18.66 -3.94 -14.06
C LEU A 206 -17.58 -5.01 -13.97
N ILE A 207 -16.37 -4.54 -13.75
CA ILE A 207 -15.22 -5.35 -13.39
C ILE A 207 -14.78 -4.83 -12.04
N LYS A 208 -14.44 -5.72 -11.13
CA LYS A 208 -14.03 -5.35 -9.78
C LYS A 208 -12.80 -6.11 -9.32
N LEU A 209 -11.90 -5.41 -8.63
CA LEU A 209 -10.75 -5.99 -7.95
C LEU A 209 -11.14 -6.21 -6.50
N VAL A 210 -10.94 -7.43 -6.03
CA VAL A 210 -11.44 -7.86 -4.73
C VAL A 210 -10.31 -8.47 -3.88
N ASP A 211 -10.32 -8.11 -2.60
CA ASP A 211 -9.43 -8.69 -1.61
C ASP A 211 -9.98 -10.06 -1.20
N HIS A 213 -9.17 -12.11 1.14
CA HIS A 213 -9.30 -12.36 2.57
C HIS A 213 -10.47 -11.60 3.18
N THR A 214 -10.65 -10.35 2.79
CA THR A 214 -11.66 -9.51 3.44
C THR A 214 -12.95 -9.39 2.62
N GLY A 215 -12.91 -9.76 1.34
CA GLY A 215 -14.03 -9.56 0.43
C GLY A 215 -14.25 -8.10 0.03
N ASP A 216 -13.38 -7.19 0.47
CA ASP A 216 -13.55 -5.78 0.12
C ASP A 216 -13.35 -5.58 -1.36
N VAL A 217 -14.16 -4.72 -1.94
CA VAL A 217 -13.94 -4.29 -3.31
C VAL A 217 -12.90 -3.17 -3.25
N LEU A 218 -11.75 -3.42 -3.85
CA LEU A 218 -10.63 -2.47 -3.85
C LEU A 218 -10.75 -1.46 -4.98
N ARG A 219 -11.38 -1.86 -6.08
CA ARG A 219 -11.49 -0.97 -7.22
C ARG A 219 -12.58 -1.48 -8.11
N THR A 220 -13.30 -0.55 -8.72
CA THR A 220 -14.33 -0.86 -9.70
C THR A 220 -13.93 -0.19 -11.04
N TYR A 221 -14.03 -0.96 -12.12
CA TYR A 221 -13.69 -0.47 -13.46
C TYR A 221 -14.96 -0.37 -14.26
N GLU A 222 -15.43 0.86 -14.40
CA GLU A 222 -16.73 1.18 -14.99
C GLU A 222 -16.59 1.70 -16.41
N GLY A 223 -17.45 1.21 -17.31
CA GLY A 223 -17.50 1.76 -18.65
C GLY A 223 -18.21 0.85 -19.66
N HIS A 224 -18.10 -0.46 -19.52
CA HIS A 224 -18.85 -1.33 -20.43
C HIS A 224 -20.33 -1.01 -20.35
N GLU A 225 -20.98 -1.03 -21.50
CA GLU A 225 -22.38 -0.60 -21.59
C GLU A 225 -23.34 -1.78 -21.58
N SER A 226 -22.80 -2.98 -21.53
CA SER A 226 -23.62 -4.19 -21.45
C SER A 226 -22.91 -5.22 -20.58
N PHE A 227 -23.22 -6.49 -20.81
CA PHE A 227 -22.59 -7.56 -20.08
C PHE A 227 -21.09 -7.61 -20.35
N VAL A 228 -20.32 -7.96 -19.33
CA VAL A 228 -18.91 -8.20 -19.49
C VAL A 228 -18.68 -9.71 -19.46
N TYR A 229 -18.16 -10.27 -20.55
CA TYR A 229 -18.05 -11.73 -20.69
C TYR A 229 -16.71 -12.31 -20.29
N CYS A 230 -15.62 -11.54 -20.44
CA CYS A 230 -14.30 -12.14 -20.28
C CYS A 230 -13.35 -11.06 -19.80
N ILE A 231 -12.43 -11.43 -18.92
CA ILE A 231 -11.32 -10.60 -18.49
C ILE A 231 -10.06 -11.45 -18.42
N LYS A 232 -8.93 -10.81 -18.71
CA LYS A 232 -7.61 -11.41 -18.62
C LYS A 232 -6.62 -10.36 -18.15
N LEU A 233 -5.54 -10.81 -17.54
CA LEU A 233 -4.42 -9.95 -17.20
C LEU A 233 -3.32 -10.04 -18.25
N LEU A 234 -2.89 -8.87 -18.74
CA LEU A 234 -1.76 -8.75 -19.62
C LEU A 234 -0.45 -8.96 -18.86
N PRO A 235 0.61 -9.24 -19.61
CA PRO A 235 1.93 -9.40 -18.99
C PRO A 235 2.33 -8.26 -18.06
N ASN A 236 1.93 -7.02 -18.35
CA ASN A 236 2.33 -5.86 -17.52
C ASN A 236 1.32 -5.60 -16.39
N GLY A 237 0.35 -6.50 -16.23
CA GLY A 237 -0.64 -6.40 -15.18
C GLY A 237 -1.94 -5.68 -15.52
N ASP A 238 -2.00 -5.02 -16.67
CA ASP A 238 -3.22 -4.31 -17.07
C ASP A 238 -4.33 -5.33 -17.31
N ILE A 239 -5.57 -4.88 -17.26
CA ILE A 239 -6.71 -5.75 -17.47
C ILE A 239 -7.19 -5.58 -18.91
N VAL A 240 -7.45 -6.70 -19.58
CA VAL A 240 -8.19 -6.65 -20.84
C VAL A 240 -9.56 -7.30 -20.63
N SER A 241 -10.59 -6.62 -21.07
CA SER A 241 -11.95 -7.11 -20.93
C SER A 241 -12.68 -7.01 -22.27
N CYS A 242 -13.77 -7.74 -22.39
CA CYS A 242 -14.63 -7.63 -23.55
C CYS A 242 -16.04 -8.02 -23.21
N GLY A 243 -16.99 -7.60 -24.06
CA GLY A 243 -18.36 -7.98 -23.82
C GLY A 243 -19.37 -7.61 -24.87
N GLU A 244 -20.60 -7.48 -24.39
CA GLU A 244 -21.76 -7.40 -25.20
C GLU A 244 -21.92 -6.02 -25.88
N ASP A 245 -21.17 -5.04 -25.41
CA ASP A 245 -21.21 -3.70 -26.01
C ASP A 245 -20.27 -3.50 -27.19
N ARG A 246 -19.80 -4.61 -27.75
CA ARG A 246 -18.97 -4.65 -28.96
C ARG A 246 -17.55 -4.18 -28.73
N THR A 247 -17.14 -4.07 -27.47
CA THR A 247 -15.84 -3.53 -27.17
C THR A 247 -14.88 -4.54 -26.52
N VAL A 248 -13.61 -4.28 -26.79
CA VAL A 248 -12.46 -4.80 -26.03
C VAL A 248 -11.89 -3.58 -25.32
N ARG A 249 -11.63 -3.70 -24.04
CA ARG A 249 -11.15 -2.56 -23.28
C ARG A 249 -9.89 -2.91 -22.54
N ILE A 250 -9.00 -1.93 -22.40
CA ILE A 250 -7.76 -2.14 -21.68
C ILE A 250 -7.73 -1.16 -20.53
N TRP A 251 -7.45 -1.64 -19.32
CA TRP A 251 -7.51 -0.82 -18.10
C TRP A 251 -6.20 -0.90 -17.28
N SER A 252 -5.90 0.19 -16.60
CA SER A 252 -4.90 0.13 -15.56
C SER A 252 -5.50 -0.57 -14.34
N LYS A 253 -4.93 -1.72 -13.97
CA LYS A 253 -5.40 -2.43 -12.80
C LYS A 253 -5.15 -1.59 -11.56
N GLU A 254 -3.99 -0.93 -11.53
CA GLU A 254 -3.56 -0.17 -10.35
C GLU A 254 -4.35 1.12 -10.11
N ASN A 255 -4.82 1.79 -11.15
CA ASN A 255 -5.49 3.06 -10.91
C ASN A 255 -6.84 3.27 -11.57
N GLY A 256 -7.29 2.28 -12.34
CA GLY A 256 -8.63 2.29 -12.92
C GLY A 256 -8.73 2.99 -14.26
N SER A 257 -7.66 3.63 -14.71
CA SER A 257 -7.75 4.35 -15.99
C SER A 257 -8.23 3.40 -17.09
N LEU A 258 -9.08 3.92 -17.95
CA LEU A 258 -9.52 3.20 -19.13
C LEU A 258 -8.59 3.63 -20.26
N LYS A 259 -7.63 2.78 -20.55
CA LYS A 259 -6.53 3.15 -21.44
C LYS A 259 -6.93 3.14 -22.92
N GLN A 260 -7.81 2.20 -23.30
CA GLN A 260 -8.23 2.11 -24.69
C GLN A 260 -9.57 1.39 -24.77
N VAL A 261 -10.39 1.84 -25.72
CA VAL A 261 -11.62 1.13 -26.10
C VAL A 261 -11.51 0.82 -27.57
N ILE A 262 -11.59 -0.46 -27.88
CA ILE A 262 -11.61 -0.95 -29.25
C ILE A 262 -13.03 -1.44 -29.57
N THR A 263 -13.64 -0.82 -30.55
CA THR A 263 -15.00 -1.13 -30.92
C THR A 263 -14.97 -1.93 -32.22
N LEU A 264 -15.62 -3.08 -32.19
CA LEU A 264 -15.64 -3.98 -33.34
C LEU A 264 -17.04 -4.15 -33.92
N PRO A 265 -17.12 -4.48 -35.24
CA PRO A 265 -18.42 -4.62 -35.92
C PRO A 265 -19.00 -6.01 -35.69
N ALA A 266 -19.22 -6.34 -34.42
CA ALA A 266 -19.80 -7.61 -34.03
C ALA A 266 -20.72 -7.35 -32.86
N ILE A 267 -21.87 -8.01 -32.83
CA ILE A 267 -22.86 -7.70 -31.78
C ILE A 267 -22.36 -8.11 -30.38
N SER A 268 -21.50 -9.12 -30.31
CA SER A 268 -20.95 -9.61 -29.04
C SER A 268 -19.50 -9.96 -29.15
N ILE A 269 -18.69 -9.55 -28.18
CA ILE A 269 -17.29 -9.98 -28.12
C ILE A 269 -17.17 -11.00 -26.98
N TRP A 270 -16.96 -12.27 -27.32
CA TRP A 270 -17.07 -13.36 -26.36
C TRP A 270 -15.85 -13.63 -25.51
N SER A 271 -14.67 -13.44 -26.09
CA SER A 271 -13.46 -13.92 -25.45
C SER A 271 -12.23 -13.13 -25.86
N VAL A 272 -11.35 -12.95 -24.90
CA VAL A 272 -10.00 -12.46 -25.12
C VAL A 272 -8.99 -13.33 -24.42
N ASP A 273 -7.78 -13.36 -24.98
CA ASP A 273 -6.64 -13.93 -24.30
C ASP A 273 -5.42 -13.13 -24.71
N CYS A 274 -4.35 -13.29 -23.93
N CYS A 274 -4.33 -13.23 -23.97
CA CYS A 274 -3.11 -12.53 -24.06
CA CYS A 274 -3.14 -12.55 -24.40
C CYS A 274 -1.91 -13.44 -24.38
C CYS A 274 -1.99 -13.51 -24.57
N SER A 276 2.17 -14.01 -24.66
CA SER A 276 3.26 -13.59 -23.79
C SER A 276 3.90 -12.29 -24.19
N ASN A 277 3.80 -11.94 -25.49
CA ASN A 277 4.42 -10.72 -26.00
C ASN A 277 3.50 -9.51 -25.87
N GLY A 278 2.37 -9.71 -25.22
CA GLY A 278 1.41 -8.65 -25.00
C GLY A 278 0.29 -8.55 -26.03
N ASP A 279 0.38 -9.27 -27.14
CA ASP A 279 -0.67 -9.18 -28.14
C ASP A 279 -1.97 -9.75 -27.61
N ILE A 280 -3.07 -9.19 -28.09
CA ILE A 280 -4.40 -9.57 -27.60
C ILE A 280 -5.15 -10.34 -28.68
N ILE A 281 -5.66 -11.51 -28.30
CA ILE A 281 -6.47 -12.36 -29.19
C ILE A 281 -7.94 -12.15 -28.81
N VAL A 282 -8.80 -12.03 -29.81
CA VAL A 282 -10.19 -11.69 -29.63
C VAL A 282 -11.09 -12.62 -30.45
N GLY A 283 -12.09 -13.21 -29.80
CA GLY A 283 -13.11 -14.00 -30.47
C GLY A 283 -14.45 -13.31 -30.38
N SER A 284 -15.15 -13.20 -31.52
CA SER A 284 -16.37 -12.42 -31.58
C SER A 284 -17.50 -13.07 -32.39
N SER A 285 -18.67 -12.44 -32.30
CA SER A 285 -19.87 -12.99 -32.90
C SER A 285 -19.93 -12.89 -34.42
N ASP A 286 -19.01 -12.14 -35.02
CA ASP A 286 -18.93 -12.07 -36.47
C ASP A 286 -18.15 -13.26 -37.04
N ASN A 287 -17.81 -14.19 -36.15
CA ASN A 287 -17.17 -15.46 -36.49
C ASN A 287 -15.69 -15.33 -36.78
N LEU A 288 -15.15 -14.18 -36.42
CA LEU A 288 -13.74 -13.89 -36.60
C LEU A 288 -12.94 -14.03 -35.30
N VAL A 289 -11.69 -14.42 -35.48
CA VAL A 289 -10.64 -14.21 -34.49
C VAL A 289 -9.83 -12.99 -34.98
N ARG A 290 -9.45 -12.13 -34.05
CA ARG A 290 -8.56 -11.01 -34.37
C ARG A 290 -7.38 -10.99 -33.41
N ILE A 291 -6.24 -10.49 -33.88
CA ILE A 291 -5.08 -10.28 -33.04
C ILE A 291 -4.76 -8.81 -33.11
N PHE A 292 -4.59 -8.20 -31.94
CA PHE A 292 -4.17 -6.80 -31.82
C PHE A 292 -2.79 -6.72 -31.19
N SER A 293 -2.01 -5.70 -31.57
CA SER A 293 -0.67 -5.53 -31.07
C SER A 293 -0.35 -4.07 -30.83
N GLN A 294 0.49 -3.82 -29.83
CA GLN A 294 1.07 -2.51 -29.63
C GLN A 294 2.29 -2.29 -30.53
N GLU A 295 2.76 -3.36 -31.16
CA GLU A 295 3.97 -3.29 -31.95
C GLU A 295 3.66 -2.99 -33.38
N LYS A 296 4.14 -1.84 -33.84
CA LYS A 296 3.81 -1.38 -35.17
C LYS A 296 4.28 -2.36 -36.26
N SER A 297 5.38 -3.07 -36.00
CA SER A 297 5.90 -4.04 -36.96
C SER A 297 4.87 -5.13 -37.28
N ARG A 298 3.91 -5.30 -36.39
CA ARG A 298 2.86 -6.32 -36.52
C ARG A 298 1.47 -5.76 -36.88
N TRP A 299 1.35 -4.46 -37.15
CA TRP A 299 0.08 -3.89 -37.58
C TRP A 299 -0.30 -4.28 -39.02
N ALA A 300 -1.55 -4.67 -39.21
CA ALA A 300 -2.05 -5.01 -40.53
C ALA A 300 -1.86 -3.86 -41.52
N SER A 301 -1.99 -2.63 -41.02
CA SER A 301 -1.84 -1.44 -41.87
C SER A 301 -0.42 -1.29 -42.42
N PHE B 5 -3.24 -5.16 18.31
CA PHE B 5 -2.21 -6.01 19.01
C PHE B 5 -0.91 -6.14 18.23
N THR B 6 -0.82 -5.50 17.07
CA THR B 6 0.35 -5.67 16.22
C THR B 6 1.39 -4.60 16.48
N GLY B 7 1.17 -3.77 17.50
CA GLY B 7 2.06 -2.64 17.71
C GLY B 7 2.15 -1.71 16.50
N TYR B 8 3.18 -0.89 16.49
CA TYR B 8 3.35 0.16 15.47
C TYR B 8 4.01 -0.41 14.22
N GLN B 9 3.46 -0.07 13.06
CA GLN B 9 4.02 -0.47 11.77
C GLN B 9 4.19 0.73 10.86
N LEU B 10 5.10 0.63 9.91
CA LEU B 10 5.38 1.75 9.00
C LEU B 10 4.11 2.17 8.28
N SER B 11 3.80 3.47 8.38
CA SER B 11 2.72 4.08 7.64
C SER B 11 3.18 4.81 6.40
N ALA B 12 4.25 5.58 6.52
CA ALA B 12 4.76 6.38 5.42
C ALA B 12 6.22 6.71 5.63
N THR B 13 6.89 6.89 4.50
CA THR B 13 8.25 7.36 4.43
C THR B 13 8.26 8.66 3.63
N LEU B 14 8.74 9.69 4.29
CA LEU B 14 8.67 11.04 3.78
C LEU B 14 10.08 11.50 3.39
N LYS B 15 10.32 11.50 2.09
CA LYS B 15 11.63 11.76 1.50
C LYS B 15 11.68 13.19 0.97
N GLY B 16 12.75 13.93 1.27
CA GLY B 16 12.94 15.26 0.72
C GLY B 16 14.14 15.97 1.31
N HIS B 17 14.36 15.81 2.60
CA HIS B 17 15.51 16.46 3.22
C HIS B 17 16.82 15.92 2.65
N ASP B 18 17.84 16.78 2.61
CA ASP B 18 19.11 16.39 2.06
C ASP B 18 20.17 16.20 3.14
N GLN B 19 19.80 16.43 4.39
CA GLN B 19 20.68 16.17 5.54
C GLN B 19 19.82 15.70 6.73
N ASP B 20 20.47 15.39 7.86
CA ASP B 20 19.77 14.76 8.96
C ASP B 20 18.51 15.54 9.31
N VAL B 21 17.45 14.82 9.66
CA VAL B 21 16.27 15.43 10.22
C VAL B 21 16.46 15.46 11.74
N ARG B 22 16.47 16.65 12.32
CA ARG B 22 16.88 16.84 13.70
C ARG B 22 15.69 16.99 14.64
N ASP B 23 14.55 17.38 14.09
CA ASP B 23 13.35 17.57 14.92
C ASP B 23 12.13 17.47 14.03
N VAL B 24 11.06 16.89 14.59
CA VAL B 24 9.79 16.72 13.91
C VAL B 24 8.66 17.09 14.87
N VAL B 25 7.56 17.55 14.31
CA VAL B 25 6.40 17.93 15.11
C VAL B 25 5.12 17.62 14.39
N ALA B 26 4.14 17.13 15.15
CA ALA B 26 2.79 17.00 14.64
C ALA B 26 2.11 18.36 14.60
N VAL B 27 1.51 18.64 13.46
CA VAL B 27 0.68 19.82 13.32
C VAL B 27 -0.78 19.40 13.50
N ASP B 28 -1.21 18.41 12.73
CA ASP B 28 -2.48 17.75 12.99
C ASP B 28 -2.40 16.34 12.42
N ASP B 29 -3.49 15.56 12.46
CA ASP B 29 -3.38 14.19 12.00
C ASP B 29 -3.05 14.09 10.50
N SER B 30 -3.11 15.20 9.78
CA SER B 30 -2.83 15.20 8.34
C SER B 30 -1.66 16.10 7.96
N LYS B 31 -0.92 16.57 8.95
CA LYS B 31 0.18 17.49 8.69
C LYS B 31 1.28 17.31 9.72
N VAL B 32 2.52 17.15 9.25
CA VAL B 32 3.66 17.08 10.14
C VAL B 32 4.72 18.04 9.59
N ALA B 33 5.57 18.53 10.46
CA ALA B 33 6.62 19.43 10.04
C ALA B 33 7.96 18.90 10.49
N SER B 34 9.01 19.17 9.72
CA SER B 34 10.33 18.73 10.07
C SER B 34 11.37 19.78 9.78
N VAL B 35 12.47 19.72 10.51
CA VAL B 35 13.57 20.62 10.24
C VAL B 35 14.87 19.83 10.17
N SER B 36 15.86 20.39 9.47
CA SER B 36 17.01 19.61 9.08
C SER B 36 18.28 20.47 9.06
N ARG B 37 19.41 19.80 9.15
CA ARG B 37 20.71 20.41 8.89
C ARG B 37 20.85 20.94 7.45
N ASP B 38 19.93 20.56 6.57
CA ASP B 38 19.90 21.13 5.23
C ASP B 38 19.35 22.54 5.16
N GLY B 39 18.96 23.09 6.31
CA GLY B 39 18.52 24.45 6.44
C GLY B 39 17.06 24.68 6.12
N THR B 40 16.31 23.60 5.86
CA THR B 40 14.92 23.76 5.47
C THR B 40 13.95 23.33 6.57
N VAL B 41 12.77 23.94 6.51
CA VAL B 41 11.59 23.52 7.27
C VAL B 41 10.65 22.97 6.20
N ARG B 42 10.18 21.75 6.39
CA ARG B 42 9.26 21.12 5.45
C ARG B 42 7.96 20.84 6.14
N LEU B 43 6.88 21.08 5.41
CA LEU B 43 5.53 20.75 5.83
C LEU B 43 5.04 19.62 4.93
N TRP B 44 4.63 18.52 5.57
CA TRP B 44 4.18 17.35 4.87
C TRP B 44 2.69 17.23 5.14
N SER B 45 1.90 17.08 4.08
CA SER B 45 0.45 17.02 4.19
C SER B 45 -0.08 15.75 3.55
N LYS B 46 -1.08 15.18 4.20
CA LYS B 46 -1.64 13.90 3.81
C LYS B 46 -2.99 14.11 3.13
N ASP B 47 -3.09 13.57 1.92
CA ASP B 47 -4.37 13.44 1.24
C ASP B 47 -4.25 12.09 0.56
N ASP B 48 -4.49 11.02 1.31
CA ASP B 48 -4.17 9.69 0.83
C ASP B 48 -2.66 9.45 0.89
N GLN B 49 -1.91 10.20 0.08
CA GLN B 49 -0.45 10.15 0.07
C GLN B 49 0.08 11.33 0.85
N TRP B 50 1.29 11.22 1.40
CA TRP B 50 1.99 12.36 1.97
C TRP B 50 2.80 13.12 0.91
N LEU B 51 2.68 14.44 0.93
CA LEU B 51 3.39 15.29 0.00
C LEU B 51 4.11 16.40 0.80
N GLY B 52 5.41 16.57 0.58
CA GLY B 52 6.16 17.57 1.29
C GLY B 52 6.38 18.81 0.43
N THR B 53 6.46 19.96 1.09
CA THR B 53 6.88 21.17 0.48
C THR B 53 7.78 21.95 1.47
N VAL B 54 8.71 22.74 0.94
CA VAL B 54 9.58 23.56 1.78
C VAL B 54 8.91 24.88 2.09
N VAL B 55 8.71 25.14 3.37
CA VAL B 55 8.05 26.38 3.75
C VAL B 55 9.05 27.44 4.15
N TYR B 56 10.31 27.05 4.33
CA TYR B 56 11.37 27.98 4.65
C TYR B 56 12.72 27.35 4.37
N THR B 57 13.62 28.14 3.79
CA THR B 57 15.02 27.74 3.61
CA THR B 57 15.01 27.73 3.63
C THR B 57 15.93 28.84 4.11
N GLY B 58 16.95 28.46 4.85
CA GLY B 58 17.91 29.40 5.36
C GLY B 58 19.28 28.79 5.26
N GLN B 59 20.28 29.53 5.73
CA GLN B 59 21.66 29.11 5.60
C GLN B 59 22.07 28.09 6.67
N GLY B 60 21.56 28.27 7.88
CA GLY B 60 22.13 27.56 9.01
C GLY B 60 21.41 26.25 9.27
N PHE B 61 22.09 25.37 9.99
CA PHE B 61 21.51 24.10 10.37
C PHE B 61 20.29 24.38 11.24
N LEU B 62 19.21 23.65 11.03
CA LEU B 62 18.05 23.74 11.89
C LEU B 62 17.98 22.48 12.75
N ASN B 63 17.80 22.69 14.05
CA ASN B 63 17.88 21.65 15.06
C ASN B 63 16.65 21.46 15.92
N SER B 64 15.72 22.42 15.89
CA SER B 64 14.56 22.36 16.74
C SER B 64 13.35 22.97 16.04
N VAL B 65 12.16 22.47 16.40
CA VAL B 65 10.93 23.00 15.86
C VAL B 65 9.80 22.78 16.88
N CYS B 66 8.84 23.69 16.89
CA CYS B 66 7.58 23.49 17.62
C CYS B 66 6.46 24.18 16.85
N TYR B 67 5.24 23.97 17.31
CA TYR B 67 4.09 24.47 16.56
C TYR B 67 3.15 25.21 17.51
N ASP B 68 2.93 26.49 17.23
CA ASP B 68 1.96 27.32 17.96
C ASP B 68 0.63 27.11 17.27
N SER B 69 -0.27 26.40 17.94
CA SER B 69 -1.50 25.95 17.33
C SER B 69 -2.59 27.02 17.27
N GLU B 70 -2.43 28.14 17.97
CA GLU B 70 -3.37 29.25 17.84
C GLU B 70 -3.00 30.17 16.68
N LYS B 71 -1.73 30.56 16.62
CA LYS B 71 -1.23 31.41 15.52
C LYS B 71 -1.00 30.59 14.25
N GLU B 72 -0.96 29.27 14.41
CA GLU B 72 -0.67 28.32 13.33
C GLU B 72 0.66 28.63 12.71
N LEU B 73 1.66 28.76 13.57
CA LEU B 73 3.00 29.08 13.14
C LEU B 73 3.97 28.00 13.54
N LEU B 74 4.85 27.64 12.61
CA LEU B 74 5.99 26.81 12.91
C LEU B 74 7.13 27.71 13.41
N LEU B 75 7.65 27.38 14.59
CA LEU B 75 8.80 28.07 15.16
C LEU B 75 9.97 27.11 15.13
N PHE B 76 11.14 27.58 14.72
CA PHE B 76 12.27 26.68 14.47
C PHE B 76 13.57 27.40 14.77
N GLY B 77 14.50 26.65 15.32
CA GLY B 77 15.75 27.22 15.75
C GLY B 77 16.91 26.36 15.36
N GLY B 78 18.09 26.94 15.43
CA GLY B 78 19.26 26.15 15.20
C GLY B 78 20.54 26.91 15.40
N LYS B 79 21.51 26.58 14.58
CA LYS B 79 22.89 26.98 14.81
C LYS B 79 23.11 28.48 14.80
N ASP B 80 22.31 29.22 14.05
CA ASP B 80 22.55 30.66 13.99
C ASP B 80 21.98 31.44 15.17
N THR B 81 21.43 30.70 16.16
CA THR B 81 20.97 31.21 17.45
C THR B 81 19.56 31.83 17.43
N ILE B 83 15.38 31.98 16.63
CA ILE B 83 14.13 31.23 16.53
C ILE B 83 13.22 32.02 15.56
N ASN B 84 12.94 31.44 14.42
CA ASN B 84 12.15 32.08 13.40
C ASN B 84 10.77 31.44 13.35
N GLY B 85 9.78 32.22 12.94
CA GLY B 85 8.41 31.71 12.84
C GLY B 85 7.89 31.92 11.44
N VAL B 86 7.22 30.91 10.90
CA VAL B 86 6.55 31.00 9.59
C VAL B 86 5.17 30.33 9.64
N PRO B 87 4.22 30.84 8.84
CA PRO B 87 2.91 30.19 8.73
C PRO B 87 2.96 28.91 7.89
N LEU B 88 1.89 28.13 7.90
CA LEU B 88 1.89 26.85 7.21
C LEU B 88 1.91 27.05 5.68
N PHE B 89 1.52 28.23 5.22
CA PHE B 89 1.43 28.53 3.77
C PHE B 89 2.62 29.37 3.26
N ALA B 90 3.66 29.54 4.09
CA ALA B 90 4.87 30.22 3.65
C ALA B 90 5.51 29.45 2.51
N THR B 91 6.22 30.18 1.66
CA THR B 91 7.02 29.56 0.62
C THR B 91 8.51 29.83 0.86
N SER B 92 9.35 28.98 0.29
CA SER B 92 10.78 29.08 0.52
C SER B 92 11.18 30.33 -0.21
N GLY B 93 12.11 31.07 0.36
CA GLY B 93 12.45 32.37 -0.16
C GLY B 93 11.80 33.51 0.58
N GLU B 94 10.66 33.27 1.23
CA GLU B 94 9.99 34.32 2.01
C GLU B 94 10.67 34.48 3.36
N ASP B 95 10.84 35.73 3.79
CA ASP B 95 11.38 36.04 5.11
C ASP B 95 10.48 35.48 6.18
N PRO B 96 11.05 35.13 7.35
CA PRO B 96 10.18 34.75 8.46
C PRO B 96 9.26 35.89 8.84
N LEU B 97 8.11 35.49 9.36
CA LEU B 97 7.12 36.45 9.85
C LEU B 97 7.71 37.27 11.00
N TYR B 98 8.43 36.60 11.90
CA TYR B 98 9.20 37.25 12.95
C TYR B 98 10.18 36.26 13.56
N THR B 99 11.00 36.80 14.44
CA THR B 99 12.12 36.11 15.01
C THR B 99 12.16 36.38 16.52
N LEU B 100 12.42 35.34 17.31
CA LEU B 100 12.66 35.45 18.74
C LEU B 100 14.18 35.45 18.92
N ILE B 101 14.68 36.60 19.33
CA ILE B 101 16.08 36.93 19.35
C ILE B 101 16.58 37.00 20.76
N GLY B 102 17.68 36.30 21.04
CA GLY B 102 18.30 36.43 22.34
C GLY B 102 19.27 35.32 22.71
N HIS B 103 19.11 34.12 22.16
CA HIS B 103 20.08 33.06 22.42
C HIS B 103 21.43 33.42 21.80
N GLN B 104 22.51 32.92 22.41
CA GLN B 104 23.88 33.22 21.97
C GLN B 104 24.61 31.94 21.53
N GLY B 105 23.83 30.89 21.29
CA GLY B 105 24.33 29.65 20.79
C GLY B 105 23.19 28.86 20.17
N ASN B 106 23.54 27.71 19.64
CA ASN B 106 22.60 26.83 18.95
C ASN B 106 21.32 26.67 19.76
N VAL B 107 20.18 26.80 19.09
CA VAL B 107 18.88 26.49 19.70
C VAL B 107 18.53 25.03 19.43
N CYS B 108 18.78 24.20 20.43
CA CYS B 108 18.72 22.75 20.29
C CYS B 108 17.40 22.12 20.71
N SER B 109 16.53 22.89 21.36
CA SER B 109 15.17 22.44 21.65
C SER B 109 14.16 23.57 21.63
N LEU B 110 12.94 23.21 21.28
CA LEU B 110 11.80 24.12 21.29
C LEU B 110 10.58 23.36 21.76
N SER B 111 9.73 24.08 22.47
CA SER B 111 8.45 23.51 22.89
C SER B 111 7.44 24.64 23.05
N PHE B 112 6.19 24.34 22.73
CA PHE B 112 5.10 25.29 22.85
C PHE B 112 4.00 24.70 23.69
N GLN B 113 3.55 25.45 24.68
CA GLN B 113 2.42 25.04 25.47
C GLN B 113 1.69 26.23 26.05
N ASP B 114 0.37 26.28 25.87
CA ASP B 114 -0.47 27.26 26.54
C ASP B 114 0.03 28.68 26.32
N GLY B 115 0.42 28.98 25.07
CA GLY B 115 0.88 30.31 24.69
C GLY B 115 2.35 30.61 24.99
N VAL B 116 3.05 29.66 25.59
CA VAL B 116 4.45 29.84 25.98
C VAL B 116 5.34 29.09 25.04
N VAL B 117 6.39 29.76 24.54
CA VAL B 117 7.47 29.07 23.85
C VAL B 117 8.63 28.95 24.84
N ILE B 118 9.23 27.77 24.93
CA ILE B 118 10.40 27.60 25.73
C ILE B 118 11.47 26.92 24.90
N SER B 119 12.66 27.52 24.89
CA SER B 119 13.76 27.10 24.04
C SER B 119 14.97 26.72 24.90
N GLY B 120 15.68 25.70 24.46
CA GLY B 120 16.94 25.28 25.06
C GLY B 120 18.09 25.54 24.14
N SER B 121 19.24 25.87 24.70
CA SER B 121 20.38 26.29 23.91
C SER B 121 21.72 25.83 24.46
N TRP B 122 22.65 25.65 23.53
CA TRP B 122 24.04 25.41 23.88
C TRP B 122 24.71 26.63 24.53
N ASP B 123 24.00 27.76 24.57
CA ASP B 123 24.51 28.92 25.34
C ASP B 123 24.31 28.75 26.86
N LYS B 124 23.81 27.57 27.25
CA LYS B 124 23.69 27.14 28.64
C LYS B 124 22.48 27.74 29.33
N THR B 125 21.55 28.29 28.53
CA THR B 125 20.31 28.81 29.05
C THR B 125 19.12 28.17 28.39
N ALA B 126 17.97 28.32 29.04
CA ALA B 126 16.68 28.19 28.37
C ALA B 126 16.03 29.56 28.43
N LYS B 127 15.16 29.83 27.47
CA LYS B 127 14.44 31.12 27.48
C LYS B 127 12.97 30.84 27.29
N VAL B 128 12.16 31.62 28.00
CA VAL B 128 10.71 31.54 27.99
C VAL B 128 10.18 32.79 27.31
N TRP B 129 9.37 32.59 26.30
CA TRP B 129 8.87 33.66 25.47
C TRP B 129 7.35 33.65 25.53
N LYS B 130 6.72 34.80 25.75
CA LYS B 130 5.27 34.91 25.74
C LYS B 130 4.90 36.16 24.96
N GLU B 131 3.89 36.03 24.11
CA GLU B 131 3.38 37.13 23.31
C GLU B 131 4.51 37.84 22.56
N GLY B 132 5.50 37.07 22.12
CA GLY B 132 6.61 37.59 21.32
C GLY B 132 7.73 38.25 22.12
N SER B 133 7.59 38.29 23.44
CA SER B 133 8.62 38.88 24.28
C SER B 133 9.41 37.81 24.98
N LEU B 134 10.69 38.10 25.19
CA LEU B 134 11.49 37.35 26.14
C LEU B 134 11.03 37.70 27.55
N VAL B 135 10.51 36.71 28.27
CA VAL B 135 9.98 36.92 29.60
C VAL B 135 10.91 36.42 30.70
N TYR B 136 11.45 35.22 30.55
CA TYR B 136 12.39 34.67 31.53
C TYR B 136 13.61 34.14 30.83
N ASN B 137 14.77 34.51 31.33
CA ASN B 137 16.03 33.93 30.92
C ASN B 137 16.48 32.98 32.02
N LEU B 138 16.49 31.69 31.73
CA LEU B 138 16.82 30.69 32.73
C LEU B 138 18.29 30.38 32.66
N GLN B 139 19.05 31.10 33.49
CA GLN B 139 20.50 31.06 33.47
C GLN B 139 21.04 30.52 34.80
N ALA B 140 21.61 29.33 34.76
CA ALA B 140 22.13 28.68 35.96
C ALA B 140 23.00 27.47 35.61
N HIS B 141 22.56 26.71 34.62
CA HIS B 141 23.30 25.53 34.21
C HIS B 141 24.74 25.86 33.79
N ASN B 142 25.62 24.87 33.91
CA ASN B 142 27.04 25.05 33.68
C ASN B 142 27.50 24.48 32.35
N ALA B 143 26.55 23.97 31.57
CA ALA B 143 26.81 23.43 30.24
C ALA B 143 25.51 23.50 29.46
N SER B 144 25.57 23.11 28.20
CA SER B 144 24.46 23.20 27.27
C SER B 144 23.18 22.69 27.84
N VAL B 145 22.10 23.39 27.52
CA VAL B 145 20.75 22.99 27.89
C VAL B 145 20.15 22.27 26.70
N TRP B 146 20.01 20.96 26.81
CA TRP B 146 19.53 20.15 25.70
C TRP B 146 18.01 20.12 25.58
N ASP B 147 17.30 20.37 26.67
CA ASP B 147 15.86 20.41 26.62
C ASP B 147 15.29 21.33 27.69
N ALA B 148 14.08 21.83 27.41
CA ALA B 148 13.37 22.75 28.27
C ALA B 148 11.88 22.55 28.02
N LYS B 149 11.12 22.46 29.10
CA LYS B 149 9.68 22.19 29.04
C LYS B 149 8.92 23.04 30.03
N VAL B 150 7.68 23.38 29.70
CA VAL B 150 6.77 23.99 30.65
C VAL B 150 6.19 22.92 31.58
N VAL B 151 6.31 23.15 32.89
CA VAL B 151 5.65 22.32 33.87
C VAL B 151 4.26 22.87 34.12
N SER B 152 4.18 24.17 34.41
CA SER B 152 2.90 24.85 34.60
C SER B 152 2.93 26.29 34.11
N PHE B 153 2.11 26.58 33.12
CA PHE B 153 2.07 27.95 32.58
C PHE B 153 1.54 28.91 33.65
N SER B 154 0.66 28.43 34.51
CA SER B 154 0.01 29.31 35.51
C SER B 154 0.88 29.64 36.73
N GLU B 155 1.80 28.74 37.07
CA GLU B 155 2.74 28.97 38.14
C GLU B 155 4.10 29.41 37.62
N ASN B 156 4.22 29.60 36.30
CA ASN B 156 5.54 29.86 35.69
C ASN B 156 6.62 28.91 36.17
N LYS B 157 6.30 27.63 36.11
CA LYS B 157 7.27 26.58 36.44
C LYS B 157 7.74 25.90 35.17
N PHE B 158 9.05 25.72 35.07
CA PHE B 158 9.72 25.25 33.87
C PHE B 158 10.72 24.22 34.31
N LEU B 159 11.07 23.34 33.39
CA LEU B 159 12.00 22.25 33.65
C LEU B 159 13.06 22.19 32.56
N THR B 160 14.34 22.08 32.95
CA THR B 160 15.43 22.08 31.99
C THR B 160 16.37 20.87 32.20
N ALA B 161 16.99 20.41 31.12
CA ALA B 161 17.87 19.25 31.13
C ALA B 161 19.19 19.69 30.53
N SER B 162 20.29 19.33 31.17
CA SER B 162 21.58 19.83 30.75
C SER B 162 22.71 18.81 30.65
N ALA B 163 23.69 19.14 29.82
CA ALA B 163 24.96 18.43 29.73
C ALA B 163 25.73 18.50 31.05
N ASP B 164 25.31 19.36 31.98
CA ASP B 164 25.96 19.41 33.32
C ASP B 164 25.46 18.28 34.25
N LYS B 165 24.67 17.37 33.68
CA LYS B 165 24.20 16.16 34.34
C LYS B 165 23.08 16.43 35.35
N THR B 166 22.44 17.58 35.25
CA THR B 166 21.32 17.90 36.13
C THR B 166 20.07 18.25 35.33
N ILE B 167 18.95 18.12 36.04
CA ILE B 167 17.65 18.65 35.65
C ILE B 167 17.34 19.75 36.66
N LYS B 168 16.86 20.90 36.20
CA LYS B 168 16.46 21.96 37.11
C LYS B 168 14.99 22.36 36.92
N LEU B 169 14.31 22.56 38.04
CA LEU B 169 12.96 23.10 38.08
C LEU B 169 13.08 24.55 38.45
N TRP B 170 12.39 25.39 37.69
CA TRP B 170 12.45 26.83 37.82
C TRP B 170 11.08 27.38 38.17
N GLN B 171 11.04 28.51 38.87
CA GLN B 171 9.82 29.29 38.95
C GLN B 171 10.19 30.71 38.57
N ASN B 172 9.47 31.29 37.62
CA ASN B 172 9.88 32.52 36.97
C ASN B 172 11.28 32.28 36.43
N ASP B 173 12.27 33.14 36.74
CA ASP B 173 13.61 32.89 36.23
C ASP B 173 14.60 32.39 37.28
N LYS B 174 14.10 31.78 38.34
CA LYS B 174 14.99 31.28 39.39
C LYS B 174 14.85 29.79 39.57
N VAL B 175 15.97 29.12 39.83
CA VAL B 175 15.93 27.71 40.12
C VAL B 175 15.33 27.54 41.51
N ILE B 176 14.34 26.65 41.59
CA ILE B 176 13.80 26.29 42.90
C ILE B 176 14.19 24.89 43.33
N LYS B 177 14.61 24.05 42.40
CA LYS B 177 15.11 22.71 42.74
C LYS B 177 16.01 22.16 41.66
N THR B 178 17.05 21.46 42.08
CA THR B 178 17.97 20.79 41.20
C THR B 178 17.94 19.30 41.49
N PHE B 179 17.84 18.51 40.44
CA PHE B 179 17.89 17.06 40.52
C PHE B 179 19.25 16.58 39.96
N SER B 180 20.18 16.28 40.85
CA SER B 180 21.54 15.93 40.46
C SER B 180 21.81 14.44 40.58
N GLY B 181 20.82 13.70 41.08
CA GLY B 181 20.98 12.28 41.31
C GLY B 181 20.23 11.38 40.36
N ILE B 182 19.79 11.94 39.24
CA ILE B 182 19.00 11.18 38.29
C ILE B 182 19.87 10.49 37.25
N HIS B 183 20.77 11.26 36.64
CA HIS B 183 21.69 10.70 35.65
C HIS B 183 23.09 11.17 36.01
N ASN B 184 24.07 10.30 35.82
CA ASN B 184 25.47 10.71 35.91
C ASN B 184 26.08 10.92 34.53
N ASP B 185 25.31 11.56 33.66
CA ASP B 185 25.74 11.83 32.29
C ASP B 185 24.81 12.91 31.74
N VAL B 186 25.11 13.38 30.54
CA VAL B 186 24.35 14.41 29.87
C VAL B 186 22.85 14.07 29.89
N VAL B 187 22.03 15.01 30.29
CA VAL B 187 20.58 14.81 30.22
C VAL B 187 20.10 15.46 28.92
N ARG B 188 19.41 14.68 28.10
CA ARG B 188 19.10 15.08 26.73
C ARG B 188 17.67 15.55 26.52
N HIS B 189 16.73 14.98 27.28
CA HIS B 189 15.33 15.27 27.00
C HIS B 189 14.43 15.01 28.18
N LEU B 190 13.27 15.67 28.14
CA LEU B 190 12.31 15.67 29.22
C LEU B 190 10.91 15.52 28.67
N ALA B 191 10.04 14.87 29.42
CA ALA B 191 8.60 14.94 29.16
C ALA B 191 7.92 15.11 30.51
N VAL B 192 7.07 16.12 30.62
CA VAL B 192 6.34 16.36 31.86
C VAL B 192 5.07 15.51 31.86
N VAL B 193 4.98 14.61 32.84
CA VAL B 193 3.82 13.77 32.97
C VAL B 193 2.65 14.55 33.59
N ASP B 194 2.92 15.24 34.69
CA ASP B 194 1.96 16.11 35.36
C ASP B 194 2.76 17.02 36.31
N ASP B 195 2.09 17.80 37.14
CA ASP B 195 2.78 18.78 38.00
C ASP B 195 3.75 18.09 38.97
N GLY B 196 3.52 16.82 39.24
CA GLY B 196 4.34 16.10 40.22
C GLY B 196 5.33 15.08 39.70
N HIS B 197 5.43 14.93 38.38
CA HIS B 197 6.25 13.87 37.78
C HIS B 197 6.76 14.23 36.41
N PHE B 198 7.99 13.86 36.16
CA PHE B 198 8.58 13.98 34.83
C PHE B 198 9.37 12.74 34.47
N ILE B 199 9.60 12.55 33.18
CA ILE B 199 10.55 11.56 32.70
C ILE B 199 11.72 12.30 32.03
N SER B 200 12.91 11.74 32.17
CA SER B 200 14.10 12.30 31.55
C SER B 200 14.83 11.19 30.86
N CYS B 201 15.64 11.55 29.89
CA CYS B 201 16.50 10.58 29.22
C CYS B 201 17.88 11.17 29.05
N SER B 202 18.85 10.33 28.80
CA SER B 202 20.24 10.74 28.92
C SER B 202 21.18 9.98 28.00
N ASN B 203 22.38 10.53 27.85
CA ASN B 203 23.46 9.79 27.19
C ASN B 203 23.83 8.50 27.93
N ASP B 204 23.38 8.33 29.17
CA ASP B 204 23.65 7.08 29.87
C ASP B 204 22.82 5.90 29.37
N GLY B 205 21.94 6.15 28.42
CA GLY B 205 21.12 5.11 27.80
C GLY B 205 19.84 4.83 28.57
N LEU B 206 19.54 5.64 29.57
CA LEU B 206 18.41 5.38 30.43
C LEU B 206 17.32 6.44 30.33
N ILE B 207 16.11 6.00 30.60
CA ILE B 207 14.96 6.87 30.75
C ILE B 207 14.49 6.63 32.17
N LYS B 208 14.17 7.71 32.87
CA LYS B 208 13.73 7.61 34.25
C LYS B 208 12.53 8.49 34.55
N LEU B 209 11.63 7.96 35.35
CA LEU B 209 10.46 8.65 35.89
C LEU B 209 10.85 9.16 37.26
N VAL B 210 10.63 10.45 37.49
CA VAL B 210 11.14 11.12 38.68
C VAL B 210 10.01 11.87 39.38
N ASP B 211 9.99 11.76 40.71
CA ASP B 211 9.07 12.51 41.55
C ASP B 211 9.59 13.96 41.68
N HIS B 213 8.74 16.40 43.58
CA HIS B 213 8.83 16.94 44.95
C HIS B 213 10.00 16.31 45.71
N THR B 214 10.13 14.99 45.69
CA THR B 214 11.17 14.32 46.46
C THR B 214 12.48 14.16 45.68
N GLY B 215 12.39 14.17 44.36
CA GLY B 215 13.54 13.95 43.51
C GLY B 215 13.86 12.46 43.34
N ASP B 216 13.04 11.59 43.91
CA ASP B 216 13.26 10.15 43.83
C ASP B 216 13.00 9.62 42.42
N VAL B 217 13.81 8.65 42.03
CA VAL B 217 13.57 7.90 40.83
C VAL B 217 12.56 6.82 41.14
N LEU B 218 11.44 6.88 40.44
CA LEU B 218 10.32 5.99 40.65
C LEU B 218 10.40 4.78 39.75
N ARG B 219 11.07 4.94 38.61
CA ARG B 219 11.18 3.88 37.64
C ARG B 219 12.28 4.20 36.66
N THR B 220 12.98 3.15 36.24
CA THR B 220 14.02 3.23 35.23
C THR B 220 13.67 2.32 34.07
N TYR B 221 13.75 2.84 32.86
CA TYR B 221 13.53 2.06 31.63
C TYR B 221 14.83 1.79 30.92
N GLU B 222 15.30 0.56 30.99
CA GLU B 222 16.60 0.15 30.48
C GLU B 222 16.43 -0.62 29.18
N GLY B 223 17.31 -0.35 28.22
CA GLY B 223 17.32 -1.12 26.98
C GLY B 223 18.08 -0.44 25.86
N HIS B 224 18.02 0.87 25.78
CA HIS B 224 18.79 1.54 24.76
C HIS B 224 20.27 1.22 24.92
N GLU B 225 20.95 1.08 23.79
CA GLU B 225 22.32 0.59 23.79
C GLU B 225 23.28 1.72 23.66
N SER B 226 22.77 2.91 23.43
CA SER B 226 23.62 4.11 23.41
C SER B 226 22.80 5.33 23.88
N PHE B 227 23.19 6.53 23.48
CA PHE B 227 22.51 7.76 23.93
C PHE B 227 21.01 7.74 23.61
N VAL B 228 20.20 8.27 24.52
CA VAL B 228 18.78 8.45 24.23
C VAL B 228 18.57 9.93 23.97
N TYR B 229 18.06 10.26 22.78
CA TYR B 229 17.99 11.66 22.37
C TYR B 229 16.64 12.31 22.63
N CYS B 230 15.56 11.53 22.61
CA CYS B 230 14.20 12.10 22.63
C CYS B 230 13.24 11.14 23.28
N ILE B 231 12.28 11.68 24.03
CA ILE B 231 11.18 10.90 24.62
C ILE B 231 9.92 11.73 24.51
N LYS B 232 8.79 11.05 24.33
CA LYS B 232 7.45 11.67 24.28
C LYS B 232 6.47 10.72 24.94
N LEU B 233 5.39 11.27 25.47
CA LEU B 233 4.28 10.49 25.99
C LEU B 233 3.23 10.31 24.92
N LEU B 234 2.82 9.06 24.74
CA LEU B 234 1.80 8.67 23.79
C LEU B 234 0.45 8.96 24.44
N PRO B 235 -0.61 9.08 23.65
CA PRO B 235 -1.92 9.37 24.23
C PRO B 235 -2.33 8.42 25.39
N ASN B 236 -2.02 7.13 25.31
CA ASN B 236 -2.39 6.20 26.39
C ASN B 236 -1.42 6.24 27.60
N GLY B 237 -0.44 7.14 27.58
CA GLY B 237 0.53 7.25 28.65
C GLY B 237 1.81 6.45 28.49
N ASP B 238 1.86 5.57 27.50
CA ASP B 238 3.10 4.83 27.20
C ASP B 238 4.17 5.80 26.76
N ILE B 239 5.43 5.38 26.80
CA ILE B 239 6.54 6.27 26.40
C ILE B 239 7.09 5.82 25.06
N VAL B 240 7.36 6.78 24.17
CA VAL B 240 8.16 6.50 22.98
C VAL B 240 9.49 7.22 23.10
N SER B 241 10.57 6.53 22.79
CA SER B 241 11.91 7.09 22.86
C SER B 241 12.65 6.74 21.58
N CYS B 242 13.75 7.44 21.37
CA CYS B 242 14.64 7.13 20.27
C CYS B 242 16.06 7.58 20.58
N GLY B 243 17.03 6.98 19.89
CA GLY B 243 18.39 7.40 20.10
C GLY B 243 19.44 6.85 19.15
N GLU B 244 20.64 6.86 19.70
CA GLU B 244 21.84 6.65 18.94
C GLU B 244 21.99 5.16 18.53
N ASP B 245 21.22 4.25 19.16
CA ASP B 245 21.31 2.82 18.80
C ASP B 245 20.41 2.40 17.63
N ARG B 246 19.94 3.39 16.88
CA ARG B 246 19.18 3.17 15.64
C ARG B 246 17.76 2.72 15.93
N THR B 247 17.31 2.86 17.17
CA THR B 247 15.97 2.41 17.53
C THR B 247 15.01 3.53 17.96
N VAL B 248 13.74 3.22 17.67
CA VAL B 248 12.58 3.84 18.29
C VAL B 248 11.99 2.77 19.20
N ARG B 249 11.70 3.13 20.44
CA ARG B 249 11.21 2.13 21.39
C ARG B 249 9.93 2.59 22.06
N ILE B 250 9.05 1.64 22.32
CA ILE B 250 7.79 1.89 22.97
C ILE B 250 7.85 1.15 24.29
N TRP B 251 7.52 1.85 25.35
CA TRP B 251 7.57 1.32 26.70
C TRP B 251 6.21 1.31 27.36
N SER B 252 5.90 0.20 28.03
CA SER B 252 4.62 0.03 28.68
C SER B 252 4.59 0.81 29.96
N LYS B 253 3.67 1.77 30.06
CA LYS B 253 3.43 2.47 31.33
C LYS B 253 2.88 1.49 32.38
N GLU B 254 1.96 0.61 31.94
CA GLU B 254 1.32 -0.35 32.84
C GLU B 254 2.29 -1.33 33.51
N ASN B 255 3.19 -1.90 32.73
CA ASN B 255 4.11 -2.94 33.22
C ASN B 255 5.54 -2.45 33.43
N GLY B 256 5.84 -1.23 32.98
CA GLY B 256 7.17 -0.64 33.11
C GLY B 256 8.23 -1.33 32.25
N SER B 257 7.80 -2.06 31.24
CA SER B 257 8.71 -2.86 30.40
C SER B 257 8.77 -2.38 28.97
N LEU B 258 9.80 -2.83 28.25
CA LEU B 258 9.96 -2.54 26.84
C LEU B 258 8.93 -3.35 26.08
N LYS B 259 8.15 -2.66 25.27
CA LYS B 259 7.08 -3.29 24.54
C LYS B 259 7.42 -3.55 23.08
N GLN B 260 8.10 -2.61 22.45
CA GLN B 260 8.46 -2.74 21.03
C GLN B 260 9.74 -1.99 20.73
N VAL B 261 10.52 -2.57 19.83
CA VAL B 261 11.73 -1.95 19.30
C VAL B 261 11.60 -1.94 17.78
N ILE B 262 11.71 -0.74 17.22
CA ILE B 262 11.76 -0.55 15.79
C ILE B 262 13.22 -0.14 15.47
N THR B 263 13.86 -0.88 14.60
CA THR B 263 15.23 -0.62 14.22
C THR B 263 15.23 -0.07 12.81
N LEU B 264 15.92 1.05 12.64
CA LEU B 264 15.94 1.76 11.38
C LEU B 264 17.36 1.80 10.78
N PRO B 265 17.46 1.87 9.45
CA PRO B 265 18.77 1.89 8.79
C PRO B 265 19.40 3.29 8.77
N ALA B 266 19.61 3.83 9.97
CA ALA B 266 20.11 5.19 10.16
C ALA B 266 20.99 5.13 11.40
N ILE B 267 22.16 5.76 11.33
CA ILE B 267 23.10 5.67 12.44
C ILE B 267 22.57 6.37 13.75
N SER B 268 21.68 7.37 13.62
CA SER B 268 21.11 8.12 14.77
C SER B 268 19.63 8.41 14.51
N ILE B 269 18.80 8.18 15.51
CA ILE B 269 17.39 8.57 15.41
C ILE B 269 17.25 9.79 16.32
N TRP B 270 17.01 10.97 15.72
CA TRP B 270 17.10 12.22 16.48
C TRP B 270 15.88 12.67 17.23
N SER B 271 14.71 12.36 16.67
CA SER B 271 13.50 12.97 17.19
C SER B 271 12.29 12.09 16.94
N VAL B 272 11.37 12.10 17.91
CA VAL B 272 10.03 11.54 17.73
C VAL B 272 8.99 12.54 18.21
N ASP B 273 7.82 12.47 17.62
CA ASP B 273 6.67 13.18 18.15
C ASP B 273 5.43 12.34 17.94
N CYS B 274 4.37 12.59 18.70
N CYS B 274 4.39 12.64 18.69
CA CYS B 274 3.14 11.79 18.63
CA CYS B 274 3.17 11.85 18.65
C CYS B 274 1.98 12.61 18.10
C CYS B 274 2.02 12.68 18.12
N SER B 276 -2.18 13.17 17.60
CA SER B 276 -3.32 12.97 18.47
C SER B 276 -3.94 11.57 18.36
N ASN B 277 -3.84 10.96 17.18
CA ASN B 277 -4.41 9.66 16.94
C ASN B 277 -3.45 8.53 17.30
N GLY B 278 -2.35 8.89 17.95
CA GLY B 278 -1.39 7.92 18.44
C GLY B 278 -0.24 7.62 17.49
N ASP B 279 -0.32 8.07 16.23
CA ASP B 279 0.76 7.75 15.31
C ASP B 279 2.06 8.41 15.76
N ILE B 280 3.18 7.80 15.43
CA ILE B 280 4.51 8.30 15.82
C ILE B 280 5.25 8.81 14.60
N ILE B 281 5.80 10.02 14.74
CA ILE B 281 6.58 10.64 13.70
C ILE B 281 8.04 10.55 14.13
N VAL B 282 8.92 10.20 13.20
CA VAL B 282 10.33 9.92 13.48
C VAL B 282 11.24 10.66 12.52
N GLY B 283 12.23 11.36 13.05
CA GLY B 283 13.24 12.02 12.22
C GLY B 283 14.60 11.39 12.46
N SER B 284 15.33 11.08 11.40
CA SER B 284 16.55 10.31 11.54
C SER B 284 17.70 10.81 10.66
N SER B 285 18.85 10.20 10.86
CA SER B 285 20.08 10.64 10.23
C SER B 285 20.20 10.20 8.78
N ASP B 286 19.28 9.34 8.33
CA ASP B 286 19.22 8.97 6.94
C ASP B 286 18.42 9.99 6.11
N ASN B 287 18.07 11.11 6.75
CA ASN B 287 17.48 12.28 6.10
C ASN B 287 15.98 12.05 5.88
N LEU B 288 15.43 11.02 6.50
CA LEU B 288 14.02 10.70 6.29
C LEU B 288 13.16 11.06 7.48
N VAL B 289 11.91 11.40 7.19
CA VAL B 289 10.85 11.44 8.19
C VAL B 289 10.05 10.14 7.97
N ARG B 290 9.67 9.48 9.05
CA ARG B 290 8.79 8.30 8.95
C ARG B 290 7.60 8.47 9.86
N ILE B 291 6.49 7.87 9.50
CA ILE B 291 5.31 7.83 10.35
C ILE B 291 4.97 6.37 10.58
N PHE B 292 4.65 6.04 11.84
CA PHE B 292 4.28 4.70 12.24
C PHE B 292 2.90 4.76 12.90
N SER B 293 2.11 3.70 12.71
CA SER B 293 0.77 3.66 13.25
C SER B 293 0.44 2.27 13.75
N GLN B 294 -0.45 2.20 14.73
CA GLN B 294 -1.02 0.94 15.16
C GLN B 294 -2.28 0.59 14.39
N GLU B 295 -2.78 1.55 13.62
CA GLU B 295 -4.01 1.37 12.86
C GLU B 295 -3.73 0.78 11.49
N LYS B 296 -4.26 -0.41 11.26
CA LYS B 296 -4.04 -1.13 10.03
C LYS B 296 -4.42 -0.30 8.79
N SER B 297 -5.49 0.48 8.89
CA SER B 297 -5.94 1.33 7.80
C SER B 297 -4.85 2.32 7.34
N ARG B 298 -3.89 2.60 8.21
CA ARG B 298 -2.83 3.53 7.87
C ARG B 298 -1.44 2.87 7.62
N TRP B 299 -1.38 1.54 7.59
CA TRP B 299 -0.15 0.84 7.27
C TRP B 299 0.23 0.95 5.79
N ALA B 300 1.51 1.13 5.51
CA ALA B 300 2.00 1.21 4.13
C ALA B 300 1.64 -0.07 3.36
#